data_3R2X
#
_entry.id   3R2X
#
_cell.length_a   130.054
_cell.length_b   130.054
_cell.length_c   313.735
_cell.angle_alpha   90.00
_cell.angle_beta   90.00
_cell.angle_gamma   120.00
#
_symmetry.space_group_name_H-M   'H 3 2'
#
loop_
_entity.id
_entity.type
_entity.pdbx_description
1 polymer Hemagglutinin
2 polymer Hemagglutinin
3 polymer 'HB36.3, designed hemagglutinin binding protein'
4 branched alpha-D-mannopyranose-(1-3)-beta-D-mannopyranose-(1-4)-2-acetamido-2-deoxy-beta-D-glucopyranose-(1-4)-2-acetamido-2-deoxy-beta-D-glucopyranose
5 non-polymer 2-acetamido-2-deoxy-beta-D-glucopyranose
#
loop_
_entity_poly.entity_id
_entity_poly.type
_entity_poly.pdbx_seq_one_letter_code
_entity_poly.pdbx_strand_id
1 'polypeptide(L)'
;ADPGDTICIGYHANNSTDTVDTVLEKNVTVTHSVNLLEDSHNGKLCKLKGIAPLQLGKCNIAGWLLGNPECDLLLTASSW
SYIVETSNSENGTCYPGDFIDYEELREQLSSVSSFEKFEIFPKTSSWPNHETTKGVTAACSYAGASSFYRNLLWLTKKGS
SYPKLSKSYVNNKGKEVLVLWGVHHPPTGTDQQSLYQNADAYVSVGSSKYNRRFTPEIAARPKVRDQAGRMNYYWTLLEP
GDTITFEATGNLIAPWYAFALNRGSGSGIITSDAPVHDCNTKCQTPHGAINSSLPFQNIHPVTIGECPKYVRSTKLRMAT
GLRNIPSIQSR
;
A
2 'polypeptide(L)'
;GLFGAIAGFIEGGWTGMIDGWYGYHHQNEQGSGYAADQKSTQNAIDGITNKVNSVIEKMNTQFTAVGKEFNNLERRIENL
NKKVDDGFLDIWTYNAELLVLLENERTLDFHDSNVRNLYEKVKSQLKNNAKEIGNGCFEFYHKCDDACMESVRNGTYDYP
KYSEESKLNREEIDGVSGR
;
B
3 'polypeptide(L)'
;MSNAMDGQQLNRLLLEWIGAWDPFGLGKDAYDVEAEAVLQAVYETESAFDLAMRIMWIYVFAFNRPIPFPHAQKLARRLL
ELKQAASSPLPLE
;
C
#
loop_
_chem_comp.id
_chem_comp.type
_chem_comp.name
_chem_comp.formula
BMA D-saccharide, beta linking beta-D-mannopyranose 'C6 H12 O6'
MAN D-saccharide, alpha linking alpha-D-mannopyranose 'C6 H12 O6'
NAG D-saccharide, beta linking 2-acetamido-2-deoxy-beta-D-glucopyranose 'C8 H15 N O6'
#
# COMPACT_ATOMS: atom_id res chain seq x y z
N ASP A 5 -28.91 50.76 9.62
CA ASP A 5 -28.40 49.71 8.73
C ASP A 5 -27.05 49.18 9.20
N THR A 6 -26.82 47.89 8.93
CA THR A 6 -25.60 47.23 9.40
C THR A 6 -24.98 46.15 8.48
N ILE A 7 -23.66 45.98 8.59
CA ILE A 7 -22.93 44.92 7.90
C ILE A 7 -22.02 44.17 8.87
N CYS A 8 -22.00 42.84 8.78
CA CYS A 8 -21.23 41.97 9.68
C CYS A 8 -20.29 41.03 8.94
N ILE A 9 -19.15 40.72 9.55
CA ILE A 9 -18.21 39.70 9.08
C ILE A 9 -18.45 38.41 9.89
N GLY A 10 -18.28 37.26 9.26
CA GLY A 10 -18.58 36.01 9.94
C GLY A 10 -17.94 34.85 9.22
N TYR A 11 -18.08 33.65 9.77
CA TYR A 11 -17.42 32.51 9.17
C TYR A 11 -18.34 31.33 9.20
N HIS A 12 -18.06 30.39 8.32
CA HIS A 12 -18.99 29.33 8.06
C HIS A 12 -19.04 28.42 9.28
N ALA A 13 -20.19 27.81 9.52
CA ALA A 13 -20.27 26.69 10.44
C ALA A 13 -21.24 25.69 9.85
N ASN A 14 -21.17 24.42 10.22
CA ASN A 14 -22.17 23.48 9.73
C ASN A 14 -22.49 22.41 10.75
N ASN A 15 -23.15 21.32 10.35
CA ASN A 15 -23.51 20.30 11.34
C ASN A 15 -22.47 19.16 11.38
N SER A 16 -21.31 19.43 10.80
CA SER A 16 -20.18 18.49 10.79
C SER A 16 -19.83 18.08 12.23
N THR A 17 -19.57 16.79 12.43
CA THR A 17 -19.14 16.25 13.73
C THR A 17 -17.67 15.80 13.75
N ASP A 18 -16.99 15.89 12.61
CA ASP A 18 -15.56 15.56 12.49
C ASP A 18 -14.76 16.28 13.55
N THR A 19 -13.92 15.53 14.27
CA THR A 19 -12.99 16.15 15.21
C THR A 19 -11.56 15.87 14.82
N VAL A 20 -10.69 16.79 15.15
CA VAL A 20 -9.26 16.62 14.97
C VAL A 20 -8.50 17.02 16.22
N ASP A 21 -7.27 16.54 16.35
CA ASP A 21 -6.44 16.94 17.47
C ASP A 21 -5.49 18.03 17.03
N THR A 22 -5.22 18.96 17.92
CA THR A 22 -4.18 19.94 17.68
C THR A 22 -3.22 19.86 18.87
N VAL A 23 -2.10 20.56 18.78
CA VAL A 23 -1.08 20.52 19.82
C VAL A 23 -1.56 21.20 21.15
N LEU A 24 -2.50 22.14 21.04
CA LEU A 24 -3.03 22.86 22.22
C LEU A 24 -4.34 22.22 22.76
N GLU A 25 -5.04 21.45 21.94
CA GLU A 25 -6.24 20.81 22.45
C GLU A 25 -6.63 19.60 21.61
N LYS A 26 -7.31 18.66 22.26
CA LYS A 26 -7.72 17.40 21.66
C LYS A 26 -9.17 17.44 21.24
N ASN A 27 -9.57 16.55 20.34
CA ASN A 27 -10.99 16.38 20.08
C ASN A 27 -11.61 17.75 19.77
N VAL A 28 -11.02 18.48 18.83
CA VAL A 28 -11.60 19.75 18.32
C VAL A 28 -12.51 19.54 17.12
N THR A 29 -13.75 20.06 17.18
CA THR A 29 -14.67 19.90 16.04
C THR A 29 -14.38 20.94 14.96
N VAL A 30 -14.22 20.49 13.71
CA VAL A 30 -13.89 21.36 12.55
C VAL A 30 -14.97 21.25 11.42
N THR A 31 -14.97 22.17 10.44
CA THR A 31 -16.07 22.16 9.48
C THR A 31 -15.81 21.20 8.34
N HIS A 32 -14.54 20.93 8.06
CA HIS A 32 -14.12 19.99 7.04
C HIS A 32 -12.78 19.43 7.42
N SER A 33 -12.48 18.21 6.98
CA SER A 33 -11.17 17.59 7.25
C SER A 33 -10.98 16.43 6.31
N VAL A 34 -9.77 15.90 6.29
CA VAL A 34 -9.46 14.75 5.46
C VAL A 34 -8.78 13.68 6.31
N ASN A 35 -9.17 12.44 6.09
CA ASN A 35 -8.48 11.37 6.76
C ASN A 35 -7.24 10.99 5.94
N LEU A 36 -6.09 10.86 6.60
CA LEU A 36 -4.87 10.52 5.87
C LEU A 36 -4.47 9.09 6.13
N LEU A 37 -5.27 8.38 6.93
CA LEU A 37 -4.93 7.05 7.41
C LEU A 37 -5.93 5.98 6.96
N GLU A 38 -5.55 5.13 6.00
CA GLU A 38 -6.43 4.04 5.57
C GLU A 38 -6.40 2.98 6.66
N ASP A 39 -7.53 2.58 7.20
CA ASP A 39 -7.52 1.56 8.26
C ASP A 39 -8.45 0.41 7.99
N SER A 40 -8.78 0.23 6.72
CA SER A 40 -9.71 -0.81 6.26
C SER A 40 -9.16 -1.65 5.12
N HIS A 41 -9.42 -2.95 5.13
CA HIS A 41 -8.93 -3.80 4.06
C HIS A 41 -10.01 -4.82 3.74
N ASN A 42 -9.89 -5.46 2.59
CA ASN A 42 -10.94 -6.35 2.11
C ASN A 42 -10.81 -7.82 2.51
N GLY A 43 -9.87 -8.16 3.37
CA GLY A 43 -9.78 -9.48 3.97
C GLY A 43 -9.47 -10.63 3.00
N LYS A 44 -9.23 -10.35 1.71
CA LYS A 44 -8.92 -11.40 0.72
C LYS A 44 -7.51 -11.23 0.16
N LEU A 45 -6.98 -12.27 -0.50
CA LEU A 45 -5.70 -12.15 -1.24
C LEU A 45 -5.98 -12.07 -2.73
N CYS A 46 -5.39 -11.09 -3.39
CA CYS A 46 -5.80 -10.75 -4.75
C CYS A 46 -4.68 -10.79 -5.77
N LYS A 47 -5.07 -10.60 -7.04
CA LYS A 47 -4.05 -10.51 -8.06
C LYS A 47 -3.38 -9.15 -8.01
N LEU A 48 -2.18 -9.11 -8.57
CA LEU A 48 -1.44 -7.86 -8.78
C LEU A 48 -1.00 -7.89 -10.22
N LYS A 49 -1.22 -6.79 -10.91
CA LYS A 49 -0.92 -6.70 -12.34
C LYS A 49 -1.68 -7.85 -12.97
N GLY A 50 -2.80 -8.22 -12.36
CA GLY A 50 -3.61 -9.28 -12.94
C GLY A 50 -3.02 -10.67 -12.91
N ILE A 51 -2.00 -10.87 -12.09
CA ILE A 51 -1.42 -12.18 -12.00
C ILE A 51 -1.80 -12.70 -10.62
N ALA A 52 -2.24 -13.97 -10.58
CA ALA A 52 -2.71 -14.51 -9.33
C ALA A 52 -1.46 -14.89 -8.53
N PRO A 53 -1.58 -14.90 -7.19
CA PRO A 53 -0.45 -15.29 -6.36
C PRO A 53 -0.30 -16.78 -6.36
N LEU A 54 0.86 -17.30 -5.97
CA LEU A 54 1.01 -18.73 -5.84
C LEU A 54 0.69 -19.12 -4.42
N GLN A 55 -0.37 -19.91 -4.24
CA GLN A 55 -0.75 -20.39 -2.93
C GLN A 55 -0.13 -21.75 -2.71
N LEU A 56 0.80 -21.83 -1.80
CA LEU A 56 1.48 -23.07 -1.50
C LEU A 56 0.70 -24.01 -0.60
N GLY A 57 -0.24 -23.49 0.18
CA GLY A 57 -1.11 -24.36 0.97
C GLY A 57 -0.34 -25.11 2.05
N LYS A 58 -0.38 -26.44 1.98
CA LYS A 58 0.28 -27.23 3.00
C LYS A 58 1.78 -27.42 2.74
N CYS A 59 2.26 -26.99 1.59
CA CYS A 59 3.67 -27.14 1.31
C CYS A 59 4.37 -25.87 1.66
N ASN A 60 5.66 -25.96 1.87
CA ASN A 60 6.44 -24.75 1.99
C ASN A 60 7.44 -24.62 0.81
N ILE A 61 8.30 -23.60 0.77
CA ILE A 61 9.17 -23.41 -0.40
C ILE A 61 10.02 -24.63 -0.69
N ALA A 62 10.58 -25.25 0.36
CA ALA A 62 11.40 -26.44 0.20
C ALA A 62 10.61 -27.60 -0.43
N GLY A 63 9.38 -27.78 0.05
CA GLY A 63 8.52 -28.86 -0.37
C GLY A 63 8.11 -28.67 -1.80
N TRP A 64 7.91 -27.42 -2.17
CA TRP A 64 7.56 -27.04 -3.52
C TRP A 64 8.66 -27.35 -4.56
N LEU A 65 9.86 -26.86 -4.31
CA LEU A 65 10.96 -26.91 -5.26
C LEU A 65 11.53 -28.30 -5.44
N LEU A 66 11.56 -29.09 -4.37
CA LEU A 66 11.96 -30.51 -4.42
C LEU A 66 10.88 -31.39 -5.04
N GLY A 67 9.65 -30.94 -4.96
CA GLY A 67 8.54 -31.76 -5.39
C GLY A 67 8.17 -32.84 -4.40
N ASN A 68 8.04 -32.47 -3.14
CA ASN A 68 7.49 -33.36 -2.15
C ASN A 68 6.20 -33.91 -2.78
N PRO A 69 6.00 -35.23 -2.74
CA PRO A 69 4.81 -35.88 -3.36
C PRO A 69 3.47 -35.32 -2.88
N GLU A 70 3.45 -34.77 -1.67
CA GLU A 70 2.30 -34.06 -1.11
C GLU A 70 1.98 -32.73 -1.85
N CYS A 71 2.84 -32.31 -2.76
CA CYS A 71 2.73 -31.00 -3.43
C CYS A 71 2.36 -31.05 -4.89
N ASP A 72 1.76 -32.12 -5.37
CA ASP A 72 1.52 -32.28 -6.81
C ASP A 72 0.72 -31.13 -7.47
N LEU A 73 -0.15 -30.46 -6.72
CA LEU A 73 -0.88 -29.29 -7.24
C LEU A 73 0.09 -28.20 -7.74
N LEU A 74 1.26 -28.16 -7.14
CA LEU A 74 2.18 -27.11 -7.48
C LEU A 74 2.97 -27.46 -8.76
N LEU A 75 2.83 -28.70 -9.24
CA LEU A 75 3.64 -29.18 -10.36
C LEU A 75 3.48 -28.37 -11.63
N THR A 76 2.28 -27.85 -11.80
CA THR A 76 1.93 -27.12 -12.99
C THR A 76 2.20 -25.60 -12.90
N ALA A 77 2.57 -25.13 -11.71
CA ALA A 77 2.75 -23.69 -11.44
C ALA A 77 3.96 -23.09 -12.16
N SER A 78 3.81 -21.90 -12.75
CA SER A 78 4.87 -21.25 -13.53
C SER A 78 4.98 -19.73 -13.38
N SER A 79 3.89 -19.05 -13.10
CA SER A 79 4.02 -17.61 -12.84
C SER A 79 3.07 -17.20 -11.74
N TRP A 80 3.47 -16.20 -11.01
CA TRP A 80 2.73 -15.78 -9.86
C TRP A 80 3.12 -14.36 -9.61
N SER A 81 2.30 -13.62 -8.88
CA SER A 81 2.62 -12.25 -8.53
C SER A 81 3.37 -12.13 -7.20
N TYR A 82 3.05 -13.06 -6.32
CA TYR A 82 3.76 -13.31 -5.10
C TYR A 82 3.38 -14.72 -4.64
N ILE A 83 4.06 -15.18 -3.61
CA ILE A 83 3.92 -16.52 -3.06
C ILE A 83 3.30 -16.43 -1.68
N VAL A 84 2.36 -17.34 -1.37
CA VAL A 84 1.66 -17.31 -0.09
C VAL A 84 1.89 -18.60 0.70
N GLU A 85 2.57 -18.55 1.85
CA GLU A 85 2.61 -19.65 2.80
C GLU A 85 1.56 -19.43 3.86
N THR A 86 1.02 -20.51 4.37
CA THR A 86 -0.02 -20.47 5.40
C THR A 86 0.50 -20.99 6.71
N SER A 87 -0.39 -21.09 7.69
CA SER A 87 -0.03 -21.63 9.00
C SER A 87 0.21 -23.14 8.96
N ASN A 88 -0.30 -23.77 7.91
CA ASN A 88 -0.15 -25.21 7.71
C ASN A 88 0.86 -25.66 6.65
N SER A 89 1.81 -24.79 6.27
CA SER A 89 2.85 -25.16 5.28
C SER A 89 3.91 -26.01 5.96
N GLU A 90 3.61 -27.28 6.14
CA GLU A 90 4.46 -28.16 6.90
C GLU A 90 5.16 -29.19 6.01
N ASN A 91 4.67 -29.36 4.77
CA ASN A 91 5.27 -30.36 3.88
C ASN A 91 6.44 -29.74 3.14
N GLY A 92 7.61 -30.11 3.61
CA GLY A 92 8.89 -29.62 3.10
C GLY A 92 9.75 -30.81 2.74
N THR A 93 10.82 -31.01 3.50
CA THR A 93 11.68 -32.17 3.32
C THR A 93 11.04 -33.35 4.07
N CYS A 94 10.53 -34.35 3.35
CA CYS A 94 9.88 -35.50 3.97
C CYS A 94 10.88 -36.59 4.41
N TYR A 95 12.06 -36.60 3.78
CA TYR A 95 13.17 -37.39 4.26
C TYR A 95 14.01 -36.50 5.14
N PRO A 96 14.23 -36.90 6.40
CA PRO A 96 14.87 -35.98 7.35
C PRO A 96 16.31 -35.60 6.96
N GLY A 97 16.67 -34.33 7.17
CA GLY A 97 18.01 -33.83 6.92
C GLY A 97 17.98 -32.32 6.89
N ASP A 98 19.12 -31.68 6.59
CA ASP A 98 19.24 -30.21 6.51
C ASP A 98 19.12 -29.71 5.08
N PHE A 99 18.32 -28.66 4.86
CA PHE A 99 18.32 -28.00 3.57
C PHE A 99 19.31 -26.77 3.66
N ILE A 100 20.49 -26.93 3.09
CA ILE A 100 21.59 -25.99 3.21
C ILE A 100 21.30 -24.62 2.54
N ASP A 101 21.56 -23.53 3.25
CA ASP A 101 21.29 -22.17 2.77
C ASP A 101 19.84 -21.96 2.31
N TYR A 102 18.92 -22.51 3.07
CA TYR A 102 17.51 -22.42 2.78
C TYR A 102 16.98 -20.96 2.85
N GLU A 103 17.37 -20.20 3.86
CA GLU A 103 16.81 -18.85 3.99
C GLU A 103 17.21 -17.95 2.82
N GLU A 104 18.45 -18.14 2.34
CA GLU A 104 18.99 -17.43 1.18
C GLU A 104 18.24 -17.78 -0.06
N LEU A 105 17.91 -19.06 -0.19
CA LEU A 105 17.13 -19.50 -1.33
C LEU A 105 15.78 -18.83 -1.36
N ARG A 106 15.14 -18.71 -0.21
CA ARG A 106 13.85 -18.03 -0.15
C ARG A 106 14.02 -16.57 -0.59
N GLU A 107 15.09 -15.93 -0.13
CA GLU A 107 15.41 -14.57 -0.56
C GLU A 107 15.56 -14.46 -2.05
N GLN A 108 16.24 -15.44 -2.67
CA GLN A 108 16.40 -15.42 -4.15
C GLN A 108 15.02 -15.41 -4.77
N LEU A 109 14.20 -16.29 -4.26
CA LEU A 109 12.86 -16.48 -4.76
C LEU A 109 11.99 -15.23 -4.54
N SER A 110 12.26 -14.45 -3.50
CA SER A 110 11.42 -13.30 -3.31
C SER A 110 11.49 -12.33 -4.49
N SER A 111 12.47 -12.47 -5.39
CA SER A 111 12.54 -11.65 -6.62
C SER A 111 12.36 -12.44 -7.92
N VAL A 112 11.73 -13.61 -7.86
CA VAL A 112 11.48 -14.39 -9.07
C VAL A 112 9.99 -14.33 -9.30
N SER A 113 9.62 -13.88 -10.50
CA SER A 113 8.23 -13.74 -10.81
C SER A 113 7.71 -14.90 -11.66
N SER A 114 8.59 -15.64 -12.31
CA SER A 114 8.10 -16.79 -13.05
C SER A 114 9.18 -17.76 -13.40
N PHE A 115 8.86 -18.96 -13.84
CA PHE A 115 9.94 -19.82 -14.28
C PHE A 115 9.48 -20.88 -15.26
N GLU A 116 10.43 -21.51 -15.94
CA GLU A 116 10.12 -22.70 -16.73
C GLU A 116 10.91 -23.88 -16.19
N LYS A 117 10.17 -24.82 -15.62
CA LYS A 117 10.75 -26.04 -15.15
C LYS A 117 11.13 -26.87 -16.37
N PHE A 118 12.21 -27.63 -16.29
CA PHE A 118 12.60 -28.51 -17.37
C PHE A 118 13.41 -29.70 -16.90
N GLU A 119 13.48 -30.72 -17.73
CA GLU A 119 14.14 -31.96 -17.38
C GLU A 119 15.62 -31.93 -17.64
N ILE A 120 16.38 -31.51 -16.64
CA ILE A 120 17.81 -31.34 -16.80
C ILE A 120 18.55 -32.64 -17.17
N PHE A 121 18.24 -33.73 -16.45
CA PHE A 121 18.85 -35.03 -16.69
C PHE A 121 17.75 -36.05 -16.82
N PRO A 122 17.30 -36.33 -18.06
CA PRO A 122 16.13 -37.20 -18.25
C PRO A 122 16.38 -38.56 -17.60
N LYS A 123 15.47 -38.98 -16.74
CA LYS A 123 15.62 -40.22 -16.01
C LYS A 123 15.95 -41.40 -16.92
N THR A 124 15.24 -41.47 -18.05
CA THR A 124 15.31 -42.64 -18.93
C THR A 124 16.60 -42.80 -19.74
N SER A 125 17.35 -41.71 -19.96
CA SER A 125 18.51 -41.80 -20.83
C SER A 125 19.87 -41.32 -20.27
N SER A 126 19.87 -40.70 -19.09
CA SER A 126 21.11 -40.11 -18.57
C SER A 126 22.03 -41.06 -17.80
N TRP A 127 21.48 -42.17 -17.33
CA TRP A 127 22.14 -42.98 -16.30
C TRP A 127 22.14 -44.44 -16.63
N PRO A 128 22.72 -44.80 -17.77
CA PRO A 128 22.64 -46.17 -18.28
C PRO A 128 23.33 -47.22 -17.37
N ASN A 129 24.26 -46.80 -16.51
CA ASN A 129 24.95 -47.74 -15.64
C ASN A 129 24.48 -47.76 -14.18
N HIS A 130 23.39 -47.07 -13.85
CA HIS A 130 22.93 -47.05 -12.46
C HIS A 130 21.45 -47.39 -12.25
N GLU A 131 21.09 -47.83 -11.04
CA GLU A 131 19.70 -48.15 -10.70
C GLU A 131 18.91 -46.88 -10.33
N THR A 132 17.77 -46.67 -11.00
CA THR A 132 16.97 -45.48 -10.76
C THR A 132 15.59 -45.75 -10.13
N THR A 133 15.26 -47.03 -9.89
CA THR A 133 13.87 -47.40 -9.52
C THR A 133 13.60 -47.91 -8.10
N LYS A 134 14.63 -47.96 -7.26
CA LYS A 134 14.48 -48.57 -5.95
C LYS A 134 14.63 -47.42 -4.95
N GLY A 135 14.79 -46.22 -5.48
CA GLY A 135 15.05 -45.05 -4.67
C GLY A 135 13.76 -44.38 -4.23
N VAL A 136 13.00 -45.09 -3.39
CA VAL A 136 11.75 -44.63 -2.77
C VAL A 136 11.85 -44.92 -1.26
N THR A 137 10.97 -44.34 -0.46
CA THR A 137 11.08 -44.49 0.99
C THR A 137 9.70 -44.37 1.60
N ALA A 138 9.52 -45.04 2.73
CA ALA A 138 8.25 -44.94 3.43
C ALA A 138 8.14 -43.56 4.07
N ALA A 139 9.28 -42.88 4.21
CA ALA A 139 9.32 -41.49 4.69
C ALA A 139 8.65 -40.51 3.73
N CYS A 140 8.53 -40.85 2.45
CA CYS A 140 7.84 -39.98 1.50
C CYS A 140 6.74 -40.75 0.85
N SER A 141 5.77 -41.13 1.65
CA SER A 141 4.73 -41.94 1.09
C SER A 141 3.83 -41.02 0.31
N TYR A 142 3.04 -41.63 -0.54
CA TYR A 142 2.13 -40.92 -1.38
C TYR A 142 1.15 -42.03 -1.75
N ALA A 143 -0.08 -41.83 -1.32
CA ALA A 143 -1.06 -42.84 -1.57
C ALA A 143 -0.61 -44.10 -0.84
N GLY A 144 -0.06 -43.95 0.36
CA GLY A 144 0.35 -45.11 1.12
C GLY A 144 1.46 -45.98 0.57
N ALA A 145 2.11 -45.56 -0.51
CA ALA A 145 3.23 -46.32 -1.06
C ALA A 145 4.52 -45.57 -0.88
N SER A 146 5.64 -46.28 -0.72
CA SER A 146 6.88 -45.54 -0.67
C SER A 146 6.98 -44.78 -1.97
N SER A 147 7.39 -43.52 -1.88
CA SER A 147 7.49 -42.70 -3.06
C SER A 147 8.65 -41.75 -2.91
N PHE A 148 8.69 -40.67 -3.69
CA PHE A 148 9.84 -39.79 -3.56
C PHE A 148 9.58 -38.42 -4.22
N TYR A 149 10.49 -37.47 -4.01
CA TYR A 149 10.41 -36.14 -4.63
C TYR A 149 10.28 -36.24 -6.14
N ARG A 150 9.55 -35.31 -6.75
CA ARG A 150 9.32 -35.38 -8.18
C ARG A 150 10.45 -34.71 -8.92
N ASN A 151 11.21 -33.87 -8.25
CA ASN A 151 12.26 -33.12 -8.94
C ASN A 151 13.64 -33.69 -8.75
N LEU A 152 13.72 -34.77 -7.97
CA LEU A 152 15.00 -35.42 -7.74
C LEU A 152 14.95 -36.89 -8.04
N LEU A 153 16.12 -37.46 -8.30
CA LEU A 153 16.24 -38.87 -8.69
C LEU A 153 17.26 -39.53 -7.78
N TRP A 154 16.80 -40.52 -7.01
CA TRP A 154 17.66 -41.24 -6.06
C TRP A 154 18.43 -42.41 -6.69
N LEU A 155 19.71 -42.25 -6.98
CA LEU A 155 20.43 -43.31 -7.70
C LEU A 155 20.97 -44.32 -6.68
N THR A 156 20.90 -45.61 -7.01
CA THR A 156 21.42 -46.69 -6.14
C THR A 156 22.27 -47.68 -6.95
N LYS A 157 22.84 -48.69 -6.28
CA LYS A 157 23.70 -49.66 -6.96
C LYS A 157 22.90 -50.54 -7.94
N LYS A 158 23.49 -50.89 -9.09
CA LYS A 158 22.90 -51.84 -10.06
C LYS A 158 23.51 -53.24 -9.86
N GLY A 159 22.68 -54.22 -9.51
CA GLY A 159 23.21 -55.50 -9.08
C GLY A 159 24.00 -55.22 -7.79
N SER A 160 25.31 -55.40 -7.84
CA SER A 160 26.19 -55.23 -6.67
C SER A 160 27.31 -54.21 -6.95
N SER A 161 27.09 -53.27 -7.87
CA SER A 161 28.08 -52.22 -8.16
C SER A 161 27.56 -50.80 -8.44
N TYR A 162 28.30 -49.82 -7.92
CA TYR A 162 28.00 -48.41 -8.19
C TYR A 162 29.24 -47.79 -8.83
N PRO A 163 29.33 -47.82 -10.18
CA PRO A 163 30.56 -47.26 -10.76
C PRO A 163 30.63 -45.75 -10.65
N LYS A 164 31.83 -45.19 -10.74
CA LYS A 164 31.96 -43.73 -10.72
C LYS A 164 31.16 -43.12 -11.87
N LEU A 165 30.26 -42.22 -11.54
CA LEU A 165 29.54 -41.44 -12.54
C LEU A 165 30.09 -40.03 -12.70
N SER A 166 29.91 -39.46 -13.88
CA SER A 166 30.35 -38.10 -14.16
C SER A 166 29.34 -37.58 -15.15
N LYS A 167 28.63 -36.52 -14.78
CA LYS A 167 27.54 -36.00 -15.60
C LYS A 167 27.62 -34.49 -15.47
N SER A 168 27.53 -33.81 -16.61
CA SER A 168 27.63 -32.35 -16.68
C SER A 168 26.40 -31.75 -17.35
N TYR A 169 26.03 -30.52 -17.00
CA TYR A 169 24.98 -29.79 -17.74
C TYR A 169 25.46 -28.40 -18.16
N VAL A 170 25.30 -28.02 -19.43
CA VAL A 170 25.62 -26.64 -19.89
C VAL A 170 24.39 -25.71 -19.95
N ASN A 171 24.46 -24.52 -19.34
CA ASN A 171 23.26 -23.67 -19.32
C ASN A 171 23.06 -22.84 -20.61
N ASN A 172 22.17 -23.31 -21.49
CA ASN A 172 21.84 -22.62 -22.73
C ASN A 172 20.43 -22.00 -22.73
N LYS A 173 19.88 -21.76 -21.54
CA LYS A 173 18.51 -21.27 -21.38
C LYS A 173 18.48 -19.75 -21.43
N GLY A 174 19.65 -19.13 -21.41
CA GLY A 174 19.69 -17.70 -21.55
C GLY A 174 19.43 -16.92 -20.28
N LYS A 175 19.29 -17.65 -19.18
CA LYS A 175 19.03 -17.06 -17.86
C LYS A 175 19.54 -17.98 -16.76
N GLU A 176 19.47 -17.49 -15.51
CA GLU A 176 19.92 -18.29 -14.37
C GLU A 176 19.07 -19.54 -14.28
N VAL A 177 19.71 -20.62 -13.88
CA VAL A 177 19.03 -21.89 -13.62
C VAL A 177 19.27 -22.36 -12.16
N LEU A 178 18.18 -22.67 -11.49
CA LEU A 178 18.23 -23.16 -10.17
C LEU A 178 18.33 -24.67 -10.25
N VAL A 179 19.44 -25.24 -9.76
CA VAL A 179 19.67 -26.69 -9.72
C VAL A 179 19.64 -27.18 -8.26
N LEU A 180 18.85 -28.22 -7.96
CA LEU A 180 18.85 -28.78 -6.61
C LEU A 180 19.32 -30.22 -6.63
N TRP A 181 19.97 -30.66 -5.57
CA TRP A 181 20.38 -32.06 -5.45
C TRP A 181 20.54 -32.40 -3.99
N GLY A 182 20.85 -33.64 -3.69
CA GLY A 182 21.04 -34.03 -2.31
C GLY A 182 22.23 -34.91 -2.07
N VAL A 183 22.60 -35.09 -0.82
CA VAL A 183 23.66 -36.02 -0.49
C VAL A 183 23.11 -36.88 0.63
N HIS A 184 23.19 -38.21 0.48
CA HIS A 184 22.64 -39.13 1.47
C HIS A 184 23.65 -39.67 2.46
N HIS A 185 23.22 -39.78 3.72
CA HIS A 185 24.12 -40.21 4.76
C HIS A 185 23.50 -41.38 5.52
N PRO A 186 23.77 -42.64 5.08
CA PRO A 186 23.16 -43.77 5.79
C PRO A 186 23.59 -43.83 7.25
N PRO A 187 22.77 -44.48 8.11
CA PRO A 187 23.09 -44.58 9.54
C PRO A 187 24.12 -45.66 9.89
N THR A 188 24.33 -46.63 9.01
CA THR A 188 25.29 -47.71 9.29
C THR A 188 26.11 -48.10 8.07
N GLY A 189 27.28 -48.71 8.32
CA GLY A 189 28.16 -49.15 7.27
C GLY A 189 27.55 -50.24 6.42
N THR A 190 26.76 -51.11 7.05
CA THR A 190 26.13 -52.24 6.35
C THR A 190 24.99 -51.77 5.46
N ASP A 191 24.33 -50.69 5.89
CA ASP A 191 23.28 -50.06 5.10
C ASP A 191 23.86 -49.38 3.90
N GLN A 192 25.00 -48.73 4.13
CA GLN A 192 25.78 -48.10 3.09
C GLN A 192 26.07 -49.08 1.97
N GLN A 193 26.52 -50.25 2.37
CA GLN A 193 26.84 -51.33 1.45
C GLN A 193 25.62 -51.82 0.69
N SER A 194 24.51 -51.99 1.40
CA SER A 194 23.29 -52.43 0.76
C SER A 194 22.88 -51.48 -0.36
N LEU A 195 22.97 -50.16 -0.11
CA LEU A 195 22.50 -49.21 -1.11
C LEU A 195 23.54 -48.90 -2.21
N TYR A 196 24.81 -48.68 -1.84
CA TYR A 196 25.77 -48.06 -2.77
C TYR A 196 27.02 -48.91 -2.95
N GLN A 197 27.09 -50.00 -2.18
CA GLN A 197 28.20 -50.94 -2.21
C GLN A 197 29.49 -50.34 -1.59
N ASN A 198 29.90 -49.15 -2.03
CA ASN A 198 31.19 -48.53 -1.65
C ASN A 198 31.23 -47.83 -0.29
N ALA A 199 32.10 -48.29 0.61
CA ALA A 199 32.24 -47.66 1.92
C ALA A 199 32.88 -46.25 1.84
N ASP A 200 33.79 -46.07 0.89
CA ASP A 200 34.56 -44.83 0.80
C ASP A 200 34.01 -43.85 -0.25
N ALA A 201 32.69 -43.86 -0.45
CA ALA A 201 32.06 -43.04 -1.50
C ALA A 201 32.21 -41.53 -1.26
N TYR A 202 32.15 -40.75 -2.34
CA TYR A 202 32.02 -39.29 -2.22
C TYR A 202 31.16 -38.67 -3.32
N VAL A 203 30.76 -37.42 -3.10
CA VAL A 203 30.05 -36.66 -4.12
C VAL A 203 30.79 -35.34 -4.29
N SER A 204 31.08 -34.98 -5.54
CA SER A 204 31.75 -33.74 -5.89
C SER A 204 30.94 -33.01 -6.94
N VAL A 205 30.71 -31.73 -6.71
CA VAL A 205 29.93 -30.92 -7.61
C VAL A 205 30.62 -29.66 -8.01
N GLY A 206 30.74 -29.35 -9.28
CA GLY A 206 31.42 -28.11 -9.57
C GLY A 206 30.89 -27.36 -10.76
N SER A 207 30.88 -26.05 -10.63
CA SER A 207 30.63 -25.16 -11.75
C SER A 207 31.66 -24.04 -11.62
N SER A 208 31.49 -22.95 -12.38
CA SER A 208 32.38 -21.79 -12.24
C SER A 208 32.33 -21.19 -10.81
N LYS A 209 31.19 -21.27 -10.11
CA LYS A 209 31.05 -20.54 -8.84
C LYS A 209 30.90 -21.45 -7.65
N TYR A 210 30.21 -22.55 -7.86
CA TYR A 210 30.02 -23.49 -6.78
C TYR A 210 31.14 -24.56 -6.84
N ASN A 211 31.70 -25.00 -5.74
CA ASN A 211 32.66 -26.07 -5.87
C ASN A 211 32.68 -26.74 -4.50
N ARG A 212 32.07 -27.91 -4.39
CA ARG A 212 32.04 -28.61 -3.13
C ARG A 212 32.18 -30.09 -3.25
N ARG A 213 32.75 -30.68 -2.21
CA ARG A 213 32.92 -32.12 -2.14
C ARG A 213 32.33 -32.54 -0.82
N PHE A 214 31.59 -33.64 -0.88
CA PHE A 214 30.84 -34.14 0.26
C PHE A 214 31.24 -35.57 0.50
N THR A 215 31.29 -36.00 1.76
CA THR A 215 31.46 -37.43 1.96
C THR A 215 30.40 -37.84 2.97
N PRO A 216 29.99 -39.11 2.90
CA PRO A 216 28.93 -39.64 3.77
C PRO A 216 29.34 -39.64 5.24
N GLU A 217 28.47 -39.19 6.14
CA GLU A 217 28.72 -39.28 7.57
C GLU A 217 27.85 -40.37 8.14
N ILE A 218 28.36 -41.59 8.26
CA ILE A 218 27.53 -42.70 8.73
C ILE A 218 27.51 -42.85 10.28
N ALA A 219 26.32 -42.74 10.88
CA ALA A 219 26.17 -42.78 12.35
C ALA A 219 24.68 -42.94 12.74
N ALA A 220 24.41 -43.58 13.88
CA ALA A 220 23.04 -43.62 14.42
C ALA A 220 22.60 -42.27 15.01
N ARG A 221 21.41 -41.85 14.58
CA ARG A 221 20.71 -40.66 15.08
C ARG A 221 19.33 -41.13 15.48
N PRO A 222 18.63 -40.35 16.29
CA PRO A 222 17.23 -40.68 16.59
C PRO A 222 16.42 -40.82 15.28
N LYS A 223 15.42 -41.73 15.22
CA LYS A 223 14.61 -41.89 14.00
C LYS A 223 13.63 -40.75 13.81
N VAL A 224 13.56 -40.29 12.59
CA VAL A 224 12.64 -39.23 12.23
C VAL A 224 11.91 -39.73 11.03
N ARG A 225 10.59 -39.73 11.16
CA ARG A 225 9.73 -40.35 10.17
C ARG A 225 10.23 -41.78 9.90
N ASP A 226 10.65 -42.46 10.96
CA ASP A 226 11.04 -43.87 10.89
C ASP A 226 12.48 -44.08 10.46
N GLN A 227 13.17 -42.98 10.14
CA GLN A 227 14.47 -43.05 9.47
C GLN A 227 15.57 -42.59 10.43
N ALA A 228 16.56 -43.46 10.61
CA ALA A 228 17.77 -43.12 11.36
C ALA A 228 18.83 -42.51 10.45
N GLY A 229 18.62 -42.63 9.13
CA GLY A 229 19.45 -41.94 8.16
C GLY A 229 19.11 -40.46 8.01
N ARG A 230 19.94 -39.75 7.25
CA ARG A 230 19.68 -38.36 6.91
C ARG A 230 19.98 -38.05 5.43
N MET A 231 19.33 -37.04 4.89
CA MET A 231 19.62 -36.56 3.54
C MET A 231 19.84 -35.03 3.53
N ASN A 232 20.94 -34.53 2.98
CA ASN A 232 21.11 -33.06 2.85
C ASN A 232 20.78 -32.51 1.48
N TYR A 233 20.12 -31.37 1.47
CA TYR A 233 19.69 -30.81 0.22
C TYR A 233 20.49 -29.57 -0.09
N TYR A 234 20.90 -29.41 -1.33
CA TYR A 234 21.76 -28.30 -1.74
C TYR A 234 21.16 -27.68 -3.00
N TRP A 235 21.57 -26.46 -3.32
CA TRP A 235 21.05 -25.80 -4.49
C TRP A 235 22.11 -24.86 -5.01
N THR A 236 22.02 -24.49 -6.27
CA THR A 236 22.86 -23.42 -6.79
C THR A 236 22.19 -22.72 -7.97
N LEU A 237 22.59 -21.47 -8.21
CA LEU A 237 22.12 -20.74 -9.38
C LEU A 237 23.22 -20.82 -10.40
N LEU A 238 22.90 -21.49 -11.48
CA LEU A 238 23.85 -21.72 -12.54
C LEU A 238 23.70 -20.57 -13.49
N GLU A 239 24.77 -19.81 -13.64
CA GLU A 239 24.71 -18.61 -14.45
C GLU A 239 24.66 -19.00 -15.93
N PRO A 240 24.17 -18.08 -16.78
CA PRO A 240 24.09 -18.29 -18.22
C PRO A 240 25.43 -18.71 -18.83
N GLY A 241 25.43 -19.76 -19.64
CA GLY A 241 26.67 -20.19 -20.24
C GLY A 241 27.54 -21.07 -19.35
N ASP A 242 27.22 -21.11 -18.07
CA ASP A 242 28.01 -21.91 -17.13
C ASP A 242 27.65 -23.40 -17.22
N THR A 243 28.53 -24.23 -16.71
CA THR A 243 28.37 -25.68 -16.72
C THR A 243 28.37 -26.15 -15.29
N ILE A 244 27.57 -27.17 -14.98
CA ILE A 244 27.67 -27.79 -13.66
C ILE A 244 28.07 -29.26 -13.82
N THR A 245 29.02 -29.73 -13.01
CA THR A 245 29.48 -31.09 -13.16
C THR A 245 29.31 -31.84 -11.87
N PHE A 246 28.60 -32.96 -11.95
CA PHE A 246 28.49 -33.83 -10.81
C PHE A 246 29.37 -35.03 -10.97
N GLU A 247 30.09 -35.36 -9.91
CA GLU A 247 30.81 -36.61 -9.91
C GLU A 247 30.54 -37.33 -8.61
N ALA A 248 30.32 -38.63 -8.66
CA ALA A 248 30.09 -39.37 -7.42
C ALA A 248 30.39 -40.86 -7.55
N THR A 249 30.76 -41.45 -6.41
CA THR A 249 30.91 -42.88 -6.27
C THR A 249 29.91 -43.40 -5.26
N GLY A 250 28.93 -42.58 -4.94
CA GLY A 250 27.81 -42.99 -4.11
C GLY A 250 27.04 -41.84 -3.52
N ASN A 251 25.87 -42.14 -2.96
CA ASN A 251 25.21 -41.22 -2.03
C ASN A 251 24.59 -39.98 -2.66
N LEU A 252 24.65 -39.88 -3.98
CA LEU A 252 24.07 -38.75 -4.72
C LEU A 252 22.59 -38.89 -5.03
N ILE A 253 21.82 -37.91 -4.59
CA ILE A 253 20.46 -37.76 -5.08
C ILE A 253 20.47 -36.72 -6.19
N ALA A 254 20.45 -37.18 -7.44
CA ALA A 254 20.76 -36.33 -8.59
C ALA A 254 19.58 -35.44 -8.95
N PRO A 255 19.84 -34.26 -9.53
CA PRO A 255 18.79 -33.43 -10.13
C PRO A 255 18.02 -34.21 -11.19
N TRP A 256 16.70 -34.00 -11.26
CA TRP A 256 15.86 -34.51 -12.34
C TRP A 256 15.23 -33.33 -13.10
N TYR A 257 14.49 -32.46 -12.40
CA TYR A 257 14.00 -31.23 -13.01
C TYR A 257 14.71 -30.05 -12.38
N ALA A 258 14.90 -29.00 -13.15
CA ALA A 258 15.46 -27.72 -12.67
C ALA A 258 14.62 -26.54 -13.18
N PHE A 259 15.00 -25.32 -12.80
CA PHE A 259 14.16 -24.16 -13.06
C PHE A 259 14.89 -22.98 -13.68
N ALA A 260 14.49 -22.60 -14.89
CA ALA A 260 15.02 -21.38 -15.48
C ALA A 260 14.20 -20.22 -14.93
N LEU A 261 14.85 -19.26 -14.30
CA LEU A 261 14.15 -18.26 -13.50
C LEU A 261 13.97 -16.97 -14.27
N ASN A 262 12.77 -16.41 -14.19
CA ASN A 262 12.50 -15.04 -14.68
C ASN A 262 12.38 -14.11 -13.49
N ARG A 263 13.28 -13.12 -13.48
CA ARG A 263 13.33 -12.14 -12.42
C ARG A 263 12.30 -11.03 -12.57
N GLY A 264 11.78 -10.59 -11.45
CA GLY A 264 10.94 -9.42 -11.42
C GLY A 264 11.23 -8.69 -10.14
N SER A 265 10.59 -7.56 -9.98
CA SER A 265 10.78 -6.83 -8.75
C SER A 265 9.39 -6.81 -8.17
N GLY A 266 9.26 -6.40 -6.92
CA GLY A 266 7.94 -6.31 -6.33
C GLY A 266 7.25 -7.64 -6.09
N SER A 267 7.99 -8.73 -6.11
CA SER A 267 7.39 -10.02 -5.78
C SER A 267 7.76 -10.26 -4.33
N GLY A 268 7.25 -11.30 -3.72
CA GLY A 268 7.63 -11.63 -2.37
C GLY A 268 6.92 -12.86 -1.81
N ILE A 269 7.31 -13.28 -0.63
CA ILE A 269 6.66 -14.42 0.01
C ILE A 269 5.92 -13.85 1.17
N ILE A 270 4.64 -14.16 1.34
CA ILE A 270 4.01 -13.66 2.54
C ILE A 270 3.43 -14.85 3.22
N THR A 271 3.14 -14.74 4.50
CA THR A 271 2.42 -15.80 5.21
C THR A 271 1.05 -15.24 5.61
N SER A 272 -0.03 -15.92 5.19
CA SER A 272 -1.37 -15.46 5.46
C SER A 272 -2.32 -16.64 5.42
N ASP A 273 -3.32 -16.59 6.29
CA ASP A 273 -4.41 -17.56 6.28
C ASP A 273 -5.67 -17.02 5.68
N ALA A 274 -5.55 -15.89 5.00
CA ALA A 274 -6.69 -15.26 4.33
C ALA A 274 -6.94 -15.92 2.97
N PRO A 275 -8.22 -16.08 2.58
CA PRO A 275 -8.58 -16.81 1.35
C PRO A 275 -8.15 -16.06 0.10
N VAL A 276 -7.64 -16.77 -0.89
CA VAL A 276 -7.33 -16.16 -2.17
C VAL A 276 -8.64 -16.03 -2.91
N HIS A 277 -8.85 -14.88 -3.56
CA HIS A 277 -10.08 -14.61 -4.28
C HIS A 277 -9.70 -14.02 -5.62
N ASP A 278 -10.70 -13.89 -6.53
CA ASP A 278 -10.44 -13.46 -7.91
C ASP A 278 -10.37 -11.94 -8.15
N CYS A 279 -10.54 -11.13 -7.10
CA CYS A 279 -10.44 -9.66 -7.17
C CYS A 279 -9.04 -9.16 -7.63
N ASN A 280 -8.95 -7.89 -8.00
CA ASN A 280 -7.64 -7.40 -8.41
C ASN A 280 -7.34 -6.11 -7.58
N THR A 281 -6.09 -5.93 -7.15
CA THR A 281 -5.73 -4.81 -6.29
C THR A 281 -4.37 -4.23 -6.72
N LYS A 282 -4.02 -3.04 -6.19
CA LYS A 282 -2.68 -2.49 -6.41
C LYS A 282 -1.76 -2.73 -5.22
N CYS A 283 -2.36 -3.01 -4.08
CA CYS A 283 -1.63 -3.15 -2.85
C CYS A 283 -2.17 -4.32 -2.06
N GLN A 284 -1.30 -5.25 -1.72
CA GLN A 284 -1.71 -6.42 -0.99
C GLN A 284 -0.97 -6.52 0.28
N THR A 285 -1.67 -6.86 1.36
CA THR A 285 -1.07 -7.15 2.66
C THR A 285 -1.51 -8.53 3.13
N PRO A 286 -0.86 -9.07 4.18
CA PRO A 286 -1.29 -10.39 4.69
C PRO A 286 -2.69 -10.46 5.33
N HIS A 287 -3.31 -9.35 5.66
CA HIS A 287 -4.67 -9.38 6.19
C HIS A 287 -5.72 -9.30 5.07
N GLY A 288 -5.34 -8.74 3.92
CA GLY A 288 -6.30 -8.41 2.88
C GLY A 288 -5.74 -7.27 2.05
N ALA A 289 -6.36 -6.99 0.91
CA ALA A 289 -5.90 -5.95 0.00
C ALA A 289 -6.39 -4.59 0.46
N ILE A 290 -5.74 -3.52 -0.04
CA ILE A 290 -6.06 -2.12 0.29
C ILE A 290 -6.29 -1.45 -1.07
N ASN A 291 -7.39 -0.74 -1.20
CA ASN A 291 -7.53 0.00 -2.43
C ASN A 291 -7.58 1.42 -1.94
N SER A 292 -6.42 2.06 -1.91
CA SER A 292 -6.35 3.38 -1.31
C SER A 292 -5.30 4.30 -1.95
N SER A 293 -5.59 5.61 -1.89
CA SER A 293 -4.67 6.67 -2.27
C SER A 293 -4.26 7.45 -1.04
N LEU A 294 -4.66 6.97 0.14
CA LEU A 294 -4.21 7.63 1.34
C LEU A 294 -2.73 7.34 1.54
N PRO A 295 -2.02 8.29 2.14
CA PRO A 295 -0.57 8.25 2.30
C PRO A 295 -0.20 7.27 3.39
N PHE A 296 -1.10 6.97 4.32
CA PHE A 296 -0.77 6.12 5.46
C PHE A 296 -1.73 4.96 5.62
N GLN A 297 -1.27 3.90 6.26
CA GLN A 297 -2.15 2.83 6.58
C GLN A 297 -1.67 2.25 7.87
N ASN A 298 -2.57 1.72 8.66
CA ASN A 298 -2.16 1.08 9.89
C ASN A 298 -2.53 -0.35 9.86
N ILE A 299 -2.73 -0.91 8.68
CA ILE A 299 -3.21 -2.30 8.57
C ILE A 299 -2.13 -3.35 8.80
N HIS A 300 -0.98 -3.18 8.16
CA HIS A 300 0.08 -4.17 8.26
C HIS A 300 1.35 -3.63 7.69
N PRO A 301 2.49 -3.91 8.35
CA PRO A 301 3.83 -3.55 7.89
C PRO A 301 4.28 -4.39 6.66
N VAL A 302 3.69 -5.56 6.40
CA VAL A 302 4.12 -6.35 5.25
C VAL A 302 3.21 -6.01 4.08
N THR A 303 3.75 -5.59 2.93
CA THR A 303 2.94 -5.20 1.78
C THR A 303 3.65 -5.66 0.49
N ILE A 304 2.87 -5.95 -0.54
CA ILE A 304 3.33 -6.27 -1.88
C ILE A 304 2.69 -5.23 -2.80
N GLY A 305 3.49 -4.52 -3.60
CA GLY A 305 2.90 -3.61 -4.57
C GLY A 305 3.19 -2.17 -4.20
N GLU A 306 2.19 -1.31 -4.32
CA GLU A 306 2.30 0.11 -3.98
C GLU A 306 1.32 0.49 -2.92
N CYS A 307 1.85 0.85 -1.77
CA CYS A 307 1.08 0.90 -0.58
C CYS A 307 1.31 2.19 0.16
N PRO A 308 0.39 2.56 1.05
CA PRO A 308 0.52 3.65 2.01
C PRO A 308 1.59 3.32 3.05
N LYS A 309 2.15 4.34 3.66
CA LYS A 309 3.16 4.07 4.61
C LYS A 309 2.51 3.44 5.82
N TYR A 310 3.03 2.31 6.28
CA TYR A 310 2.51 1.73 7.51
C TYR A 310 2.98 2.55 8.72
N VAL A 311 2.06 2.83 9.64
CA VAL A 311 2.32 3.54 10.91
C VAL A 311 1.47 2.89 11.98
N ARG A 312 1.86 3.00 13.23
CA ARG A 312 1.10 2.40 14.29
C ARG A 312 -0.20 3.21 14.62
N SER A 313 -0.31 4.44 14.11
CA SER A 313 -1.44 5.33 14.48
C SER A 313 -2.81 4.67 14.30
N THR A 314 -3.76 5.10 15.15
CA THR A 314 -5.14 4.70 15.00
C THR A 314 -5.95 5.82 14.30
N LYS A 315 -5.46 7.08 14.39
CA LYS A 315 -6.07 8.32 13.79
C LYS A 315 -5.08 9.42 13.23
N LEU A 316 -5.23 9.79 11.96
CA LEU A 316 -4.50 10.92 11.37
C LEU A 316 -5.50 11.72 10.50
N ARG A 317 -6.18 12.68 11.10
CA ARG A 317 -7.15 13.47 10.34
C ARG A 317 -6.64 14.90 10.41
N MET A 318 -6.50 15.48 9.24
CA MET A 318 -5.96 16.79 9.13
C MET A 318 -7.13 17.73 8.86
N ALA A 319 -7.28 18.75 9.72
CA ALA A 319 -8.32 19.75 9.52
C ALA A 319 -8.01 20.49 8.25
N THR A 320 -9.06 20.80 7.52
CA THR A 320 -8.98 21.62 6.32
C THR A 320 -9.84 22.80 6.48
N GLY A 321 -11.01 22.60 7.08
CA GLY A 321 -11.87 23.73 7.37
C GLY A 321 -11.56 24.32 8.72
N LEU A 322 -12.49 25.10 9.25
CA LEU A 322 -12.20 25.82 10.48
C LEU A 322 -12.97 25.25 11.67
N ARG A 323 -12.67 25.78 12.84
CA ARG A 323 -13.37 25.38 14.04
C ARG A 323 -14.86 25.60 13.80
N ASN A 324 -15.64 24.55 14.03
CA ASN A 324 -17.07 24.54 13.74
C ASN A 324 -17.90 25.03 14.92
N ILE A 325 -18.49 26.22 14.79
CA ILE A 325 -19.16 26.88 15.92
C ILE A 325 -20.61 27.37 15.66
N PRO A 326 -21.58 26.45 15.50
CA PRO A 326 -22.98 26.82 15.24
C PRO A 326 -23.75 27.38 16.48
N GLY B 1 -7.31 30.82 17.42
CA GLY B 1 -7.39 31.55 18.68
C GLY B 1 -6.40 32.69 18.73
N LEU B 2 -5.28 32.50 18.01
CA LEU B 2 -4.13 33.42 17.94
C LEU B 2 -4.46 34.88 17.52
N PHE B 3 -5.44 35.02 16.63
CA PHE B 3 -5.78 36.31 16.04
C PHE B 3 -7.07 36.91 16.60
N GLY B 4 -7.67 36.20 17.56
CA GLY B 4 -8.73 36.77 18.37
C GLY B 4 -10.09 36.83 17.69
N ALA B 5 -10.15 36.44 16.42
CA ALA B 5 -11.39 36.55 15.62
C ALA B 5 -12.31 35.33 15.75
N ILE B 6 -11.88 34.19 15.23
CA ILE B 6 -12.74 33.01 15.30
C ILE B 6 -12.84 32.62 16.78
N ALA B 7 -14.06 32.44 17.28
CA ALA B 7 -14.30 32.11 18.69
C ALA B 7 -13.70 33.18 19.62
N GLY B 8 -13.66 34.40 19.12
CA GLY B 8 -13.07 35.55 19.77
C GLY B 8 -14.10 36.63 19.62
N PHE B 9 -13.69 37.77 19.07
CA PHE B 9 -14.60 38.89 18.89
C PHE B 9 -15.74 38.60 17.88
N ILE B 10 -15.58 37.57 17.04
CA ILE B 10 -16.74 37.05 16.31
C ILE B 10 -17.09 35.70 16.91
N GLU B 11 -18.05 35.69 17.84
CA GLU B 11 -18.20 34.57 18.76
C GLU B 11 -18.60 33.26 18.10
N GLY B 12 -19.29 33.39 16.98
CA GLY B 12 -19.89 32.24 16.34
C GLY B 12 -19.99 32.26 14.84
N GLY B 13 -20.10 31.05 14.31
CA GLY B 13 -20.26 30.91 12.88
C GLY B 13 -21.73 30.91 12.49
N TRP B 14 -21.93 30.81 11.19
CA TRP B 14 -23.20 31.03 10.54
C TRP B 14 -23.47 29.71 9.92
N THR B 15 -24.35 28.92 10.55
CA THR B 15 -24.74 27.65 9.97
C THR B 15 -25.42 27.96 8.65
N GLY B 16 -25.85 29.21 8.52
CA GLY B 16 -26.58 29.71 7.37
C GLY B 16 -25.82 30.10 6.12
N MET B 17 -24.50 30.28 6.18
CA MET B 17 -23.72 30.70 5.01
C MET B 17 -23.01 29.52 4.36
N ILE B 18 -23.65 28.97 3.33
CA ILE B 18 -23.24 27.70 2.74
C ILE B 18 -22.38 27.73 1.47
N ASP B 19 -22.04 28.92 0.98
CA ASP B 19 -21.33 29.02 -0.29
C ASP B 19 -19.84 29.42 -0.11
N GLY B 20 -19.36 29.41 1.13
CA GLY B 20 -17.97 29.79 1.39
C GLY B 20 -17.48 29.76 2.84
N TRP B 21 -16.16 29.89 3.02
CA TRP B 21 -15.64 29.80 4.37
C TRP B 21 -15.81 31.12 5.13
N TYR B 22 -15.63 32.24 4.44
CA TYR B 22 -15.75 33.52 5.11
C TYR B 22 -16.72 34.37 4.30
N GLY B 23 -17.44 35.26 4.97
CA GLY B 23 -18.36 36.12 4.26
C GLY B 23 -19.06 37.20 5.06
N TYR B 24 -20.19 37.69 4.53
CA TYR B 24 -20.89 38.85 5.09
C TYR B 24 -22.38 38.54 5.38
N HIS B 25 -22.92 39.18 6.41
CA HIS B 25 -24.35 39.23 6.64
C HIS B 25 -24.74 40.71 6.53
N HIS B 26 -25.64 41.05 5.62
CA HIS B 26 -26.06 42.44 5.43
C HIS B 26 -27.52 42.74 5.67
N GLN B 27 -27.78 43.85 6.37
CA GLN B 27 -29.13 44.31 6.62
C GLN B 27 -29.31 45.77 6.29
N ASN B 28 -30.12 46.03 5.29
CA ASN B 28 -30.51 47.38 4.99
C ASN B 28 -32.01 47.41 4.85
N GLU B 29 -32.52 48.52 4.38
CA GLU B 29 -33.95 48.68 4.19
C GLU B 29 -34.41 47.72 3.08
N GLN B 30 -33.54 47.46 2.11
CA GLN B 30 -33.90 46.64 0.96
C GLN B 30 -33.90 45.11 1.13
N GLY B 31 -33.48 44.61 2.28
CA GLY B 31 -33.52 43.16 2.47
C GLY B 31 -32.21 42.63 3.03
N SER B 32 -32.28 41.49 3.70
CA SER B 32 -31.08 40.79 4.19
C SER B 32 -30.50 39.74 3.24
N GLY B 33 -29.58 38.95 3.78
CA GLY B 33 -29.01 37.79 3.10
C GLY B 33 -27.56 37.51 3.48
N TYR B 34 -27.07 36.34 3.12
CA TYR B 34 -25.68 35.93 3.36
C TYR B 34 -24.82 35.90 2.09
N ALA B 35 -23.57 36.36 2.13
CA ALA B 35 -22.69 36.33 0.95
C ALA B 35 -21.20 35.96 1.23
N ALA B 36 -20.75 34.78 0.79
CA ALA B 36 -19.34 34.36 0.93
C ALA B 36 -18.34 35.20 0.13
N ASP B 37 -17.13 35.37 0.66
CA ASP B 37 -16.11 36.11 -0.09
C ASP B 37 -15.19 35.17 -0.88
N GLN B 38 -15.36 35.15 -2.20
CA GLN B 38 -14.70 34.17 -3.06
C GLN B 38 -13.22 34.34 -2.94
N LYS B 39 -12.75 35.57 -2.95
CA LYS B 39 -11.33 35.86 -2.96
C LYS B 39 -10.76 35.32 -1.63
N SER B 40 -11.33 35.69 -0.49
CA SER B 40 -10.79 35.20 0.79
C SER B 40 -10.76 33.68 0.83
N THR B 41 -11.90 33.08 0.50
CA THR B 41 -12.10 31.63 0.41
C THR B 41 -11.18 31.00 -0.65
N GLN B 42 -11.11 31.60 -1.82
CA GLN B 42 -10.31 31.06 -2.90
C GLN B 42 -8.85 30.97 -2.52
N ASN B 43 -8.35 32.03 -1.91
CA ASN B 43 -6.99 32.07 -1.37
C ASN B 43 -6.69 31.06 -0.27
N ALA B 44 -7.62 30.93 0.68
CA ALA B 44 -7.48 29.95 1.76
C ALA B 44 -7.40 28.52 1.22
N ILE B 45 -8.26 28.20 0.26
CA ILE B 45 -8.28 26.86 -0.32
C ILE B 45 -7.03 26.46 -1.11
N ASP B 46 -6.54 27.34 -1.98
CA ASP B 46 -5.36 27.04 -2.77
C ASP B 46 -4.30 26.80 -1.73
N GLY B 47 -4.28 27.63 -0.69
CA GLY B 47 -3.31 27.48 0.40
C GLY B 47 -3.37 26.10 1.07
N ILE B 48 -4.56 25.71 1.55
CA ILE B 48 -4.72 24.44 2.29
C ILE B 48 -4.49 23.22 1.41
N THR B 49 -4.91 23.27 0.16
CA THR B 49 -4.64 22.16 -0.73
C THR B 49 -3.12 21.98 -0.86
N ASN B 50 -2.41 23.09 -1.03
CA ASN B 50 -0.97 23.01 -1.15
C ASN B 50 -0.36 22.47 0.11
N LYS B 51 -0.87 22.90 1.28
CA LYS B 51 -0.33 22.38 2.54
C LYS B 51 -0.49 20.85 2.51
N VAL B 52 -1.68 20.38 2.21
CA VAL B 52 -1.94 18.95 2.15
C VAL B 52 -1.09 18.24 1.04
N ASN B 53 -0.99 18.71 -0.22
CA ASN B 53 -0.16 18.02 -1.23
C ASN B 53 1.28 17.82 -0.90
N SER B 54 1.85 18.80 -0.22
CA SER B 54 3.24 18.77 0.17
C SER B 54 3.45 17.67 1.16
N VAL B 55 2.53 17.54 2.09
CA VAL B 55 2.58 16.45 3.05
C VAL B 55 2.48 15.04 2.37
N ILE B 56 1.47 14.81 1.52
CA ILE B 56 1.26 13.56 0.77
C ILE B 56 2.37 13.11 -0.22
N GLU B 57 2.85 14.06 -1.01
CA GLU B 57 3.84 13.81 -2.05
C GLU B 57 5.24 13.53 -1.47
N LYS B 58 5.45 13.95 -0.24
CA LYS B 58 6.75 13.77 0.42
C LYS B 58 6.82 12.31 0.81
N MET B 59 5.66 11.69 0.91
CA MET B 59 5.50 10.29 1.35
C MET B 59 5.65 9.37 0.16
N ASN B 60 6.76 8.64 0.18
CA ASN B 60 7.03 7.63 -0.79
C ASN B 60 5.90 6.66 -0.58
N THR B 61 5.17 6.34 -1.64
CA THR B 61 4.23 5.28 -1.46
C THR B 61 5.25 4.22 -1.10
N GLN B 62 4.84 3.26 -0.29
CA GLN B 62 5.72 2.18 0.13
C GLN B 62 5.61 1.09 -0.91
N PHE B 63 6.75 0.83 -1.56
CA PHE B 63 6.89 -0.29 -2.46
C PHE B 63 7.20 -1.55 -1.69
N THR B 64 7.29 -2.67 -2.39
CA THR B 64 7.41 -3.95 -1.71
C THR B 64 8.45 -3.95 -0.58
N ALA B 65 7.97 -4.33 0.61
CA ALA B 65 8.79 -4.53 1.78
C ALA B 65 8.24 -5.80 2.43
N VAL B 66 9.04 -6.87 2.51
CA VAL B 66 8.58 -8.12 3.13
C VAL B 66 9.62 -8.58 4.14
N GLY B 67 9.25 -9.55 4.97
CA GLY B 67 10.12 -9.99 6.04
C GLY B 67 11.25 -10.79 5.45
N LYS B 68 12.29 -10.94 6.25
CA LYS B 68 13.38 -11.83 5.93
C LYS B 68 13.30 -12.96 6.90
N GLU B 69 13.79 -14.12 6.52
CA GLU B 69 13.83 -15.19 7.50
C GLU B 69 15.29 -15.43 7.87
N PHE B 70 15.54 -15.92 9.09
CA PHE B 70 16.89 -16.17 9.60
C PHE B 70 16.86 -17.47 10.34
N ASN B 71 17.94 -18.24 10.32
CA ASN B 71 17.92 -19.53 11.04
C ASN B 71 18.23 -19.38 12.50
N ASN B 72 18.25 -20.49 13.23
CA ASN B 72 18.34 -20.36 14.67
C ASN B 72 19.74 -19.99 15.14
N LEU B 73 20.66 -19.93 14.20
CA LEU B 73 22.01 -19.40 14.42
C LEU B 73 22.24 -18.05 13.77
N GLU B 74 21.17 -17.35 13.44
CA GLU B 74 21.28 -16.05 12.82
C GLU B 74 20.47 -15.11 13.69
N ARG B 75 20.44 -15.39 14.99
CA ARG B 75 19.67 -14.60 15.94
C ARG B 75 20.17 -13.16 16.05
N ARG B 76 21.46 -12.91 16.00
CA ARG B 76 21.92 -11.53 16.02
C ARG B 76 21.46 -10.67 14.83
N ILE B 77 21.58 -11.22 13.62
CA ILE B 77 21.21 -10.51 12.39
C ILE B 77 19.70 -10.39 12.41
N GLU B 78 19.04 -11.42 12.91
CA GLU B 78 17.61 -11.38 13.03
C GLU B 78 17.21 -10.21 13.91
N ASN B 79 17.82 -10.04 15.07
CA ASN B 79 17.55 -8.89 15.93
C ASN B 79 17.95 -7.56 15.36
N LEU B 80 19.05 -7.53 14.60
CA LEU B 80 19.48 -6.30 13.95
C LEU B 80 18.37 -5.90 13.00
N ASN B 81 17.85 -6.87 12.24
CA ASN B 81 16.78 -6.60 11.28
C ASN B 81 15.56 -6.01 11.88
N LYS B 82 15.18 -6.56 13.01
CA LYS B 82 14.01 -6.14 13.76
C LYS B 82 14.23 -4.74 14.35
N LYS B 83 15.46 -4.47 14.84
CA LYS B 83 15.84 -3.15 15.37
C LYS B 83 15.69 -2.06 14.31
N VAL B 84 16.06 -2.40 13.09
CA VAL B 84 15.92 -1.53 11.93
C VAL B 84 14.50 -1.26 11.63
N ASP B 85 13.69 -2.31 11.55
CA ASP B 85 12.31 -2.13 11.20
C ASP B 85 11.53 -1.32 12.16
N ASP B 86 11.65 -1.65 13.42
CA ASP B 86 10.95 -0.95 14.48
C ASP B 86 11.40 0.51 14.63
N GLY B 87 12.69 0.76 14.44
CA GLY B 87 13.21 2.09 14.59
C GLY B 87 12.63 2.95 13.51
N PHE B 88 12.62 2.51 12.27
CA PHE B 88 12.03 3.33 11.23
C PHE B 88 10.60 3.52 11.51
N LEU B 89 9.93 2.50 12.01
CA LEU B 89 8.50 2.63 12.33
C LEU B 89 8.21 3.60 13.50
N ASP B 90 9.05 3.62 14.53
CA ASP B 90 8.83 4.55 15.64
C ASP B 90 8.86 5.92 15.04
N ILE B 91 9.83 6.14 14.17
CA ILE B 91 10.02 7.43 13.52
C ILE B 91 8.92 7.92 12.57
N TRP B 92 8.43 7.05 11.70
CA TRP B 92 7.44 7.44 10.76
C TRP B 92 6.20 7.63 11.51
N THR B 93 5.98 6.81 12.52
CA THR B 93 4.78 7.05 13.31
C THR B 93 4.87 8.37 14.04
N TYR B 94 6.00 8.58 14.70
CA TYR B 94 6.23 9.81 15.41
C TYR B 94 6.16 11.04 14.54
N ASN B 95 6.79 11.08 13.38
CA ASN B 95 6.78 12.32 12.58
C ASN B 95 5.38 12.66 12.14
N ALA B 96 4.69 11.63 11.67
CA ALA B 96 3.33 11.66 11.18
C ALA B 96 2.32 12.11 12.24
N GLU B 97 2.33 11.53 13.43
CA GLU B 97 1.30 11.91 14.37
C GLU B 97 1.57 13.37 14.74
N LEU B 98 2.83 13.67 15.02
CA LEU B 98 3.32 15.00 15.40
C LEU B 98 3.14 16.02 14.29
N LEU B 99 3.36 15.61 13.06
CA LEU B 99 3.20 16.57 11.98
C LEU B 99 1.79 17.08 11.82
N VAL B 100 0.86 16.14 11.86
CA VAL B 100 -0.56 16.42 11.76
C VAL B 100 -0.97 17.31 12.93
N LEU B 101 -0.55 16.96 14.14
CA LEU B 101 -0.86 17.76 15.33
C LEU B 101 -0.43 19.23 15.07
N LEU B 102 0.84 19.43 14.70
CA LEU B 102 1.37 20.79 14.52
C LEU B 102 0.72 21.53 13.43
N GLU B 103 0.44 20.78 12.35
CA GLU B 103 -0.13 21.40 11.17
C GLU B 103 -1.55 21.79 11.36
N ASN B 104 -2.27 21.01 12.14
CA ASN B 104 -3.63 21.33 12.51
C ASN B 104 -3.65 22.61 13.27
N GLU B 105 -2.73 22.80 14.20
CA GLU B 105 -2.70 24.09 14.87
C GLU B 105 -2.58 25.24 13.85
N ARG B 106 -1.62 25.12 12.96
CA ARG B 106 -1.34 26.16 11.96
C ARG B 106 -2.54 26.43 10.99
N THR B 107 -3.22 25.37 10.60
CA THR B 107 -4.35 25.46 9.71
C THR B 107 -5.46 26.25 10.34
N LEU B 108 -5.80 25.89 11.57
CA LEU B 108 -6.86 26.60 12.26
C LEU B 108 -6.49 28.07 12.44
N ASP B 109 -5.24 28.34 12.83
CA ASP B 109 -4.77 29.70 13.03
C ASP B 109 -4.78 30.50 11.73
N PHE B 110 -4.51 29.79 10.64
CA PHE B 110 -4.58 30.33 9.28
C PHE B 110 -5.99 30.85 9.06
N HIS B 111 -7.00 30.08 9.43
CA HIS B 111 -8.35 30.56 9.27
C HIS B 111 -8.67 31.78 10.12
N ASP B 112 -8.23 31.77 11.38
CA ASP B 112 -8.40 32.92 12.26
C ASP B 112 -7.85 34.16 11.57
N SER B 113 -6.63 34.04 11.06
CA SER B 113 -5.97 35.11 10.33
C SER B 113 -6.77 35.61 9.13
N ASN B 114 -7.30 34.70 8.32
CA ASN B 114 -8.07 35.11 7.16
C ASN B 114 -9.27 35.94 7.51
N VAL B 115 -10.05 35.48 8.50
CA VAL B 115 -11.21 36.22 9.02
C VAL B 115 -10.86 37.62 9.54
N ARG B 116 -9.86 37.69 10.43
CA ARG B 116 -9.44 38.97 11.01
C ARG B 116 -9.06 39.93 9.93
N ASN B 117 -8.30 39.45 8.95
CA ASN B 117 -7.84 40.32 7.88
C ASN B 117 -9.01 40.80 7.05
N LEU B 118 -10.03 39.94 6.91
CA LEU B 118 -11.24 40.32 6.20
C LEU B 118 -11.96 41.42 6.98
N TYR B 119 -12.18 41.23 8.28
CA TYR B 119 -12.82 42.26 9.13
C TYR B 119 -12.11 43.61 8.97
N GLU B 120 -10.81 43.62 9.23
CA GLU B 120 -10.02 44.84 9.17
C GLU B 120 -9.95 45.37 7.73
N LYS B 121 -9.99 44.49 6.71
CA LYS B 121 -10.13 44.96 5.31
C LYS B 121 -11.36 45.89 5.16
N VAL B 122 -12.52 45.40 5.60
CA VAL B 122 -13.76 46.15 5.57
C VAL B 122 -13.66 47.44 6.42
N LYS B 123 -13.19 47.29 7.65
CA LYS B 123 -13.01 48.41 8.59
C LYS B 123 -12.22 49.57 8.01
N SER B 124 -11.14 49.25 7.29
CA SER B 124 -10.32 50.30 6.71
C SER B 124 -11.02 50.95 5.52
N GLN B 125 -11.80 50.18 4.77
CA GLN B 125 -12.59 50.78 3.68
C GLN B 125 -13.66 51.79 4.19
N LEU B 126 -14.44 51.42 5.22
CA LEU B 126 -15.56 52.27 5.66
C LEU B 126 -15.14 53.48 6.48
N LYS B 127 -14.26 53.26 7.45
CA LYS B 127 -13.79 54.33 8.32
C LYS B 127 -14.90 54.93 9.19
N ASN B 128 -15.07 56.24 9.16
CA ASN B 128 -16.07 56.87 10.03
C ASN B 128 -17.49 56.85 9.47
N ASN B 129 -17.64 56.33 8.25
CA ASN B 129 -18.97 56.16 7.65
C ASN B 129 -19.77 55.07 8.36
N ALA B 130 -19.15 54.44 9.37
CA ALA B 130 -19.79 53.45 10.23
C ALA B 130 -19.06 53.33 11.57
N LYS B 131 -19.75 52.78 12.58
CA LYS B 131 -19.12 52.49 13.87
C LYS B 131 -18.94 50.99 14.09
N GLU B 132 -17.95 50.62 14.87
CA GLU B 132 -17.73 49.22 15.16
C GLU B 132 -18.51 48.86 16.42
N ILE B 133 -19.35 47.83 16.31
CA ILE B 133 -20.07 47.32 17.47
C ILE B 133 -19.03 46.56 18.33
N GLY B 134 -18.22 45.71 17.69
CA GLY B 134 -17.18 44.97 18.41
C GLY B 134 -17.36 43.47 18.37
N ASN B 135 -18.28 43.02 17.52
CA ASN B 135 -18.68 41.62 17.37
C ASN B 135 -18.72 41.26 15.90
N GLY B 136 -17.82 41.88 15.14
CA GLY B 136 -17.71 41.66 13.73
C GLY B 136 -18.75 42.47 13.00
N CYS B 137 -19.36 43.40 13.71
CA CYS B 137 -20.37 44.26 13.12
C CYS B 137 -20.01 45.74 13.04
N PHE B 138 -20.49 46.35 11.96
CA PHE B 138 -20.40 47.77 11.68
C PHE B 138 -21.81 48.33 11.52
N GLU B 139 -22.14 49.46 12.15
CA GLU B 139 -23.42 50.13 11.91
C GLU B 139 -23.25 51.34 11.01
N PHE B 140 -24.05 51.46 9.95
CA PHE B 140 -23.83 52.58 9.03
C PHE B 140 -24.46 53.87 9.56
N TYR B 141 -23.84 54.98 9.22
CA TYR B 141 -24.39 56.28 9.48
C TYR B 141 -24.99 56.83 8.21
N HIS B 142 -25.49 55.94 7.37
CA HIS B 142 -26.14 56.38 6.14
C HIS B 142 -26.82 55.21 5.49
N LYS B 143 -27.71 55.50 4.55
CA LYS B 143 -28.42 54.43 3.89
C LYS B 143 -27.53 53.76 2.87
N CYS B 144 -27.38 52.45 3.02
CA CYS B 144 -26.54 51.72 2.12
C CYS B 144 -27.42 50.64 1.50
N ASP B 145 -27.91 50.93 0.30
CA ASP B 145 -28.74 49.99 -0.43
C ASP B 145 -27.83 48.88 -0.98
N ASP B 146 -28.43 47.86 -1.60
CA ASP B 146 -27.72 46.67 -2.10
C ASP B 146 -26.56 46.95 -3.09
N ALA B 147 -26.67 48.03 -3.87
CA ALA B 147 -25.64 48.47 -4.81
C ALA B 147 -24.36 48.84 -4.08
N CYS B 148 -24.53 49.63 -3.03
CA CYS B 148 -23.47 50.05 -2.13
C CYS B 148 -22.80 48.82 -1.51
N MET B 149 -23.60 47.87 -1.02
CA MET B 149 -23.11 46.62 -0.43
C MET B 149 -22.11 45.93 -1.37
N GLU B 150 -22.54 45.64 -2.59
CA GLU B 150 -21.67 44.99 -3.59
C GLU B 150 -20.30 45.63 -3.76
N SER B 151 -20.26 46.94 -3.74
CA SER B 151 -19.01 47.66 -3.87
C SER B 151 -18.11 47.27 -2.70
N VAL B 152 -18.69 47.21 -1.51
CA VAL B 152 -17.95 46.84 -0.31
C VAL B 152 -17.31 45.44 -0.34
N ARG B 153 -18.07 44.44 -0.78
CA ARG B 153 -17.59 43.05 -0.86
C ARG B 153 -16.44 42.90 -1.85
N ASN B 154 -16.62 43.45 -3.05
CA ASN B 154 -15.66 43.31 -4.15
C ASN B 154 -14.56 44.41 -4.10
N GLY B 155 -14.55 45.15 -2.99
CA GLY B 155 -13.47 46.07 -2.67
C GLY B 155 -13.54 47.54 -3.08
N THR B 156 -14.54 47.91 -3.87
CA THR B 156 -14.61 49.25 -4.47
C THR B 156 -15.52 50.29 -3.78
N TYR B 157 -15.86 50.10 -2.51
CA TYR B 157 -16.67 51.09 -1.79
C TYR B 157 -16.07 52.51 -1.80
N ASP B 158 -16.91 53.50 -2.14
CA ASP B 158 -16.54 54.94 -2.23
C ASP B 158 -16.88 55.75 -0.96
N TYR B 159 -15.83 56.13 -0.21
CA TYR B 159 -15.97 56.86 1.05
C TYR B 159 -16.38 58.33 0.87
N PRO B 160 -15.62 59.09 0.06
CA PRO B 160 -15.93 60.51 -0.16
C PRO B 160 -17.40 60.73 -0.47
N LYS B 161 -17.97 59.89 -1.34
CA LYS B 161 -19.36 60.03 -1.77
C LYS B 161 -20.33 60.22 -0.60
N TYR B 162 -20.17 59.38 0.42
CA TYR B 162 -21.04 59.40 1.58
C TYR B 162 -20.42 60.10 2.80
N SER B 163 -19.19 60.61 2.69
CA SER B 163 -18.50 61.18 3.86
C SER B 163 -19.24 62.36 4.47
N GLU B 164 -19.88 63.14 3.60
CA GLU B 164 -20.66 64.30 4.01
C GLU B 164 -21.92 63.82 4.70
N GLU B 165 -22.77 63.14 3.92
CA GLU B 165 -24.00 62.54 4.43
C GLU B 165 -23.75 61.82 5.77
N SER B 166 -22.70 61.01 5.84
CA SER B 166 -22.37 60.26 7.06
C SER B 166 -21.93 61.15 8.23
N LYS B 167 -21.19 62.22 7.94
CA LYS B 167 -20.75 63.24 8.91
C LYS B 167 -21.93 63.91 9.63
N LEU B 168 -23.00 64.25 8.91
CA LEU B 168 -24.20 64.88 9.51
C LEU B 168 -24.87 63.99 10.57
N ASN B 169 -25.26 62.78 10.14
CA ASN B 169 -26.02 61.80 10.95
C ASN B 169 -25.26 61.38 12.20
N ARG B 170 -23.98 61.19 12.02
CA ARG B 170 -23.11 60.70 13.07
C ARG B 170 -23.05 61.70 14.22
N GLU B 171 -22.64 62.92 13.96
CA GLU B 171 -22.53 63.88 15.04
C GLU B 171 -23.90 64.12 15.69
N ASP C 6 -33.91 7.13 -13.44
CA ASP C 6 -33.35 6.30 -12.38
C ASP C 6 -31.83 6.45 -12.30
N GLY C 7 -31.22 5.89 -11.25
CA GLY C 7 -29.78 5.94 -11.08
C GLY C 7 -28.93 5.26 -12.14
N GLN C 8 -29.35 4.09 -12.60
CA GLN C 8 -28.64 3.34 -13.66
C GLN C 8 -28.16 4.14 -14.86
N GLN C 9 -28.99 5.08 -15.28
CA GLN C 9 -28.75 5.93 -16.43
C GLN C 9 -28.06 7.22 -16.00
N LEU C 10 -28.47 7.70 -14.83
CA LEU C 10 -27.94 8.90 -14.22
C LEU C 10 -26.49 8.62 -13.79
N ASN C 11 -26.27 7.38 -13.35
CA ASN C 11 -24.95 6.93 -12.90
C ASN C 11 -23.99 6.82 -14.05
N ARG C 12 -24.48 6.36 -15.19
CA ARG C 12 -23.61 6.18 -16.33
C ARG C 12 -23.19 7.54 -16.90
N LEU C 13 -24.14 8.48 -16.92
CA LEU C 13 -23.87 9.82 -17.44
C LEU C 13 -22.97 10.68 -16.61
N LEU C 14 -23.18 10.61 -15.31
CA LEU C 14 -22.40 11.39 -14.38
C LEU C 14 -20.95 10.93 -14.51
N LEU C 15 -20.75 9.62 -14.62
CA LEU C 15 -19.42 9.01 -14.80
C LEU C 15 -18.74 9.35 -16.10
N GLU C 16 -19.48 9.35 -17.20
CA GLU C 16 -18.94 9.75 -18.50
C GLU C 16 -18.33 11.16 -18.42
N TRP C 17 -19.09 12.08 -17.84
CA TRP C 17 -18.73 13.48 -17.59
C TRP C 17 -17.53 13.75 -16.75
N ILE C 18 -17.40 12.96 -15.70
CA ILE C 18 -16.33 13.15 -14.75
C ILE C 18 -15.04 12.80 -15.47
N GLY C 19 -15.07 11.69 -16.22
CA GLY C 19 -13.92 11.30 -17.00
C GLY C 19 -13.61 12.41 -18.01
N ALA C 20 -14.65 12.94 -18.69
CA ALA C 20 -14.47 13.98 -19.72
C ALA C 20 -13.91 15.32 -19.23
N TRP C 21 -14.14 15.62 -17.95
CA TRP C 21 -13.57 16.78 -17.26
C TRP C 21 -12.06 16.86 -17.51
N ASP C 22 -11.40 15.69 -17.41
CA ASP C 22 -10.00 15.50 -17.82
C ASP C 22 -9.06 16.68 -17.47
N PRO C 23 -8.91 17.00 -16.16
CA PRO C 23 -8.13 18.17 -15.72
C PRO C 23 -6.64 18.09 -16.03
N PHE C 24 -6.14 16.88 -16.26
CA PHE C 24 -4.70 16.71 -16.48
C PHE C 24 -4.27 16.25 -17.89
N GLY C 25 -5.21 16.25 -18.84
CA GLY C 25 -4.94 15.91 -20.24
C GLY C 25 -4.48 14.45 -20.35
N LEU C 26 -5.17 13.56 -19.64
CA LEU C 26 -4.84 12.13 -19.59
C LEU C 26 -5.80 11.23 -20.39
N GLY C 27 -6.87 11.82 -20.94
CA GLY C 27 -7.91 11.09 -21.66
C GLY C 27 -9.05 10.74 -20.72
N LYS C 28 -10.28 10.61 -21.22
CA LYS C 28 -11.42 10.40 -20.32
C LYS C 28 -11.38 9.10 -19.52
N ASP C 29 -10.64 8.14 -20.03
CA ASP C 29 -10.60 6.84 -19.42
C ASP C 29 -9.57 6.70 -18.30
N ALA C 30 -8.76 7.72 -18.06
CA ALA C 30 -7.69 7.61 -17.06
C ALA C 30 -8.17 7.88 -15.63
N TYR C 31 -9.45 8.23 -15.47
CA TYR C 31 -9.97 8.76 -14.21
C TYR C 31 -11.11 7.89 -13.68
N ASP C 32 -11.19 6.64 -14.10
CA ASP C 32 -12.33 5.80 -13.72
C ASP C 32 -12.53 5.63 -12.21
N VAL C 33 -11.42 5.49 -11.48
CA VAL C 33 -11.42 5.27 -10.01
C VAL C 33 -11.94 6.50 -9.25
N GLU C 34 -11.39 7.64 -9.65
CA GLU C 34 -11.64 8.96 -9.10
C GLU C 34 -13.05 9.39 -9.40
N ALA C 35 -13.52 9.07 -10.61
CA ALA C 35 -14.90 9.34 -11.00
C ALA C 35 -15.93 8.68 -10.09
N GLU C 36 -15.75 7.40 -9.73
CA GLU C 36 -16.67 6.71 -8.80
C GLU C 36 -16.71 7.41 -7.45
N ALA C 37 -15.54 7.86 -7.02
CA ALA C 37 -15.39 8.52 -5.72
C ALA C 37 -16.17 9.83 -5.84
N VAL C 38 -16.12 10.49 -7.00
CA VAL C 38 -16.86 11.73 -7.12
C VAL C 38 -18.37 11.44 -7.16
N LEU C 39 -18.76 10.37 -7.85
CA LEU C 39 -20.18 9.98 -7.90
C LEU C 39 -20.77 9.70 -6.53
N GLN C 40 -20.04 8.91 -5.76
CA GLN C 40 -20.40 8.57 -4.40
C GLN C 40 -20.60 9.83 -3.57
N ALA C 41 -19.66 10.75 -3.71
CA ALA C 41 -19.66 11.97 -2.93
C ALA C 41 -20.87 12.79 -3.29
N VAL C 42 -21.25 12.78 -4.57
CA VAL C 42 -22.45 13.48 -5.04
C VAL C 42 -23.77 13.13 -4.32
N TYR C 43 -23.95 11.85 -3.98
CA TYR C 43 -25.18 11.41 -3.32
C TYR C 43 -25.17 11.66 -1.82
N GLU C 44 -24.07 12.23 -1.35
CA GLU C 44 -23.88 12.46 0.06
C GLU C 44 -24.12 13.91 0.46
N THR C 45 -24.40 14.79 -0.49
CA THR C 45 -24.60 16.19 -0.12
C THR C 45 -25.55 16.96 -1.03
N GLU C 46 -26.02 18.13 -0.57
CA GLU C 46 -26.70 19.11 -1.44
C GLU C 46 -25.99 20.45 -1.60
N SER C 47 -24.78 20.59 -1.05
CA SER C 47 -24.14 21.92 -1.02
C SER C 47 -23.01 21.86 -2.06
N ALA C 48 -23.05 22.74 -3.06
CA ALA C 48 -22.06 22.75 -4.14
C ALA C 48 -20.68 22.92 -3.54
N PHE C 49 -20.58 23.79 -2.55
CA PHE C 49 -19.32 24.04 -1.86
C PHE C 49 -18.69 22.79 -1.20
N ASP C 50 -19.47 21.99 -0.47
CA ASP C 50 -18.95 20.75 0.17
C ASP C 50 -18.43 19.81 -0.89
N LEU C 51 -19.24 19.64 -1.92
CA LEU C 51 -18.93 18.76 -3.04
C LEU C 51 -17.68 19.25 -3.79
N ALA C 52 -17.57 20.56 -3.99
CA ALA C 52 -16.42 21.15 -4.70
C ALA C 52 -15.19 20.74 -3.91
N MET C 53 -15.31 20.77 -2.59
CA MET C 53 -14.21 20.38 -1.71
C MET C 53 -13.84 18.91 -1.77
N ARG C 54 -14.82 18.03 -1.90
CA ARG C 54 -14.56 16.61 -2.04
C ARG C 54 -13.84 16.23 -3.28
N ILE C 55 -14.31 16.77 -4.39
CA ILE C 55 -13.66 16.55 -5.65
C ILE C 55 -12.19 16.93 -5.70
N MET C 56 -11.91 18.13 -5.24
CA MET C 56 -10.58 18.64 -5.31
C MET C 56 -9.73 17.65 -4.50
N TRP C 57 -10.21 17.27 -3.31
CA TRP C 57 -9.45 16.34 -2.48
C TRP C 57 -9.30 15.00 -3.16
N ILE C 58 -10.36 14.52 -3.77
CA ILE C 58 -10.30 13.24 -4.45
C ILE C 58 -9.15 13.24 -5.45
N TYR C 59 -9.07 14.31 -6.25
CA TYR C 59 -8.10 14.42 -7.33
C TYR C 59 -6.71 14.75 -6.82
N VAL C 60 -6.63 15.49 -5.73
CA VAL C 60 -5.31 15.69 -5.16
C VAL C 60 -4.66 14.43 -4.61
N PHE C 61 -5.36 13.58 -3.90
CA PHE C 61 -4.76 12.32 -3.50
C PHE C 61 -4.39 11.48 -4.70
N ALA C 62 -5.28 11.35 -5.68
CA ALA C 62 -4.99 10.40 -6.74
C ALA C 62 -3.79 10.87 -7.56
N PHE C 63 -3.69 12.18 -7.79
CA PHE C 63 -2.74 12.71 -8.77
C PHE C 63 -1.66 13.66 -8.25
N ASN C 64 -1.71 13.98 -6.97
CA ASN C 64 -0.72 14.89 -6.42
C ASN C 64 -0.71 16.19 -7.20
N ARG C 65 -1.86 16.79 -7.48
CA ARG C 65 -1.88 18.00 -8.29
C ARG C 65 -3.11 18.79 -7.92
N PRO C 66 -2.91 20.08 -7.64
CA PRO C 66 -4.03 20.95 -7.29
C PRO C 66 -4.81 21.52 -8.45
N ILE C 67 -6.08 21.16 -8.46
CA ILE C 67 -7.09 21.63 -9.38
C ILE C 67 -7.52 23.05 -8.99
N PRO C 68 -7.61 24.01 -9.97
CA PRO C 68 -8.06 25.37 -9.62
C PRO C 68 -9.37 25.32 -8.83
N PHE C 69 -9.53 25.99 -7.68
CA PHE C 69 -10.83 25.88 -7.00
C PHE C 69 -12.07 26.15 -7.86
N PRO C 70 -12.08 27.29 -8.58
CA PRO C 70 -13.22 27.68 -9.41
C PRO C 70 -13.56 26.72 -10.52
N HIS C 71 -12.54 26.03 -11.04
CA HIS C 71 -12.77 25.01 -12.03
C HIS C 71 -13.54 23.83 -11.45
N ALA C 72 -13.08 23.32 -10.32
CA ALA C 72 -13.78 22.30 -9.50
C ALA C 72 -15.19 22.70 -9.11
N GLN C 73 -15.32 23.95 -8.71
CA GLN C 73 -16.54 24.53 -8.22
C GLN C 73 -17.57 24.51 -9.35
N LYS C 74 -17.15 24.79 -10.58
CA LYS C 74 -17.99 24.72 -11.81
C LYS C 74 -18.57 23.32 -12.09
N LEU C 75 -17.73 22.30 -11.96
CA LEU C 75 -18.11 20.88 -12.13
C LEU C 75 -19.19 20.46 -11.10
N ALA C 76 -18.96 20.80 -9.84
CA ALA C 76 -19.89 20.50 -8.77
C ALA C 76 -21.28 21.09 -9.03
N ARG C 77 -21.32 22.36 -9.47
CA ARG C 77 -22.59 23.04 -9.77
C ARG C 77 -23.34 22.28 -10.85
N ARG C 78 -22.65 21.80 -11.90
CA ARG C 78 -23.35 21.05 -12.95
C ARG C 78 -23.94 19.76 -12.43
N LEU C 79 -23.16 19.07 -11.59
CA LEU C 79 -23.58 17.79 -11.03
C LEU C 79 -24.76 17.92 -10.05
N LEU C 80 -24.73 18.90 -9.14
CA LEU C 80 -25.86 19.03 -8.21
C LEU C 80 -27.09 19.55 -8.91
N GLU C 81 -26.91 20.40 -9.92
CA GLU C 81 -28.03 20.81 -10.74
C GLU C 81 -28.67 19.63 -11.41
N LEU C 82 -27.81 18.77 -11.96
CA LEU C 82 -28.25 17.54 -12.59
C LEU C 82 -28.88 16.56 -11.56
N LYS C 83 -28.28 16.34 -10.39
CA LYS C 83 -28.92 15.47 -9.39
C LYS C 83 -30.35 15.90 -9.07
N GLN C 84 -30.55 17.19 -8.86
CA GLN C 84 -31.86 17.74 -8.50
C GLN C 84 -32.78 17.64 -9.70
N ALA C 85 -32.22 17.90 -10.88
CA ALA C 85 -33.01 17.83 -12.11
C ALA C 85 -33.60 16.44 -12.36
N ALA C 86 -32.96 15.40 -11.87
CA ALA C 86 -33.51 14.05 -12.04
C ALA C 86 -34.28 13.65 -10.77
N SER C 87 -34.17 14.51 -9.75
CA SER C 87 -34.81 14.28 -8.46
C SER C 87 -35.40 15.58 -7.89
C1 NAG D . 2.88 -33.73 5.03
C2 NAG D . 3.73 -34.94 5.39
C3 NAG D . 2.97 -35.82 6.36
C4 NAG D . 2.55 -35.03 7.57
C5 NAG D . 1.79 -33.78 7.11
C6 NAG D . 1.41 -32.99 8.36
C7 NAG D . 5.18 -35.71 3.55
C8 NAG D . 5.52 -36.98 2.82
N2 NAG D . 4.04 -35.76 4.24
O3 NAG D . 3.92 -36.77 6.74
O4 NAG D . 1.65 -35.81 8.35
O5 NAG D . 2.60 -33.02 6.25
O6 NAG D . 1.18 -31.63 8.04
O7 NAG D . 5.93 -34.75 3.48
C1 NAG D . 2.26 -36.45 9.50
C2 NAG D . 1.19 -36.77 10.52
C3 NAG D . 1.86 -37.19 11.82
C4 NAG D . 2.83 -38.37 11.55
C5 NAG D . 3.77 -37.97 10.39
C6 NAG D . 4.95 -38.90 10.05
C7 NAG D . -0.83 -35.49 10.10
C8 NAG D . -1.80 -34.52 10.68
N2 NAG D . 0.33 -35.61 10.72
O3 NAG D . 0.90 -37.55 12.78
O4 NAG D . 3.58 -38.60 12.74
O5 NAG D . 2.99 -37.64 9.24
O6 NAG D . 4.69 -40.29 10.05
O7 NAG D . -1.14 -36.13 9.08
C1 BMA D . 3.24 -39.80 13.51
C2 BMA D . 4.45 -40.12 14.41
C3 BMA D . 4.25 -41.37 15.22
C4 BMA D . 2.88 -41.36 15.91
C5 BMA D . 1.76 -40.95 14.93
C6 BMA D . 0.41 -40.84 15.64
O2 BMA D . 4.76 -39.09 15.32
O3 BMA D . 5.31 -41.34 16.15
O4 BMA D . 2.59 -42.64 16.41
O5 BMA D . 2.06 -39.73 14.29
O6 BMA D . 0.05 -39.49 15.76
C1 MAN D . 5.67 -42.68 16.53
C2 MAN D . 5.79 -42.73 18.05
C3 MAN D . 6.86 -41.72 18.45
C4 MAN D . 8.16 -42.15 17.77
C5 MAN D . 7.91 -42.17 16.26
C6 MAN D . 9.19 -42.52 15.50
O2 MAN D . 6.10 -44.04 18.49
O3 MAN D . 7.03 -41.70 19.85
O4 MAN D . 9.19 -41.24 18.08
O5 MAN D . 6.90 -43.13 16.01
O6 MAN D . 9.80 -43.64 16.10
C1 NAG E . -14.64 13.74 22.11
C2 NAG E . -14.49 12.47 22.99
C3 NAG E . -15.65 11.52 22.69
C4 NAG E . -16.99 12.24 22.85
C5 NAG E . -16.95 13.66 22.24
C6 NAG E . -18.26 14.40 22.52
C7 NAG E . -12.17 11.81 23.69
C8 NAG E . -11.26 10.62 23.68
N2 NAG E . -13.19 11.80 22.81
O3 NAG E . -15.71 10.36 23.50
O4 NAG E . -18.02 11.46 22.29
O5 NAG E . -15.79 14.37 22.69
O6 NAG E . -18.18 15.73 22.07
O7 NAG E . -11.97 12.72 24.49
#